data_3QW6
#
_entry.id   3QW6
#
_cell.length_a   51.066
_cell.length_b   66.376
_cell.length_c   64.805
_cell.angle_alpha   90.00
_cell.angle_beta   98.38
_cell.angle_gamma   90.00
#
_symmetry.space_group_name_H-M   'P 1 21 1'
#
loop_
_entity.id
_entity.type
_entity.pdbx_description
1 polymer 'Botulinum neurotoxin type A'
2 polymer 'inhibitory peptide RYGC'
3 non-polymer 'ZINC ION'
4 non-polymer 'SULFATE ION'
5 non-polymer 'SODIUM ION'
6 water water
#
loop_
_entity_poly.entity_id
_entity_poly.type
_entity_poly.pdbx_seq_one_letter_code
_entity_poly.pdbx_strand_id
1 'polypeptide(L)'
;MPFVNKQFNYKDPVNGVDIAYIKIPNAGQMQPVKAFKIHNKIWVIPERDTFTNPEEGDLNPPPEAKQVPVSYYDSTYLST
DNEKDNYLKGVTKLFERIYSTDLGRMLLTSIVRGIPFWGGSTIDTELKVIDTNCINVIQPDGSYRSEELNLVIIGPSADI
IQFECKSFGHEVLNLTRNGYGSTQYIRFSPDFTFGFEESLEVDTNPLLGAGKFATDPAVTLAHELIHAGHRLYGIAINPN
RVFKVNTNAYYEMSGLEVSFEELRTFGGHDAKFIDSLQENEFRLYYYNKFKDIASTLNKAKSIVGTTASLQYMKNVFKEK
YLLSEDTSGKFSVDKLKFDKLYKMLTEIYTEDNFVKFFKVLNRKTYLNFDKAVFKINIVPKVNYTIYDGFNLRNTNLAAN
FNGQNTEINNMNFTKLKNFTGLFEHHHHHH
;
A
2 'polypeptide(L)' RYGC(NH2) B
#
# COMPACT_ATOMS: atom_id res chain seq x y z
N PRO A 2 -9.93 -6.85 17.35
CA PRO A 2 -8.67 -6.45 16.68
C PRO A 2 -8.61 -6.95 15.22
N PHE A 3 -7.86 -6.24 14.38
CA PHE A 3 -7.73 -6.64 12.98
C PHE A 3 -6.87 -7.90 12.89
N VAL A 4 -5.85 -7.96 13.74
CA VAL A 4 -4.93 -9.10 13.76
C VAL A 4 -5.21 -9.89 15.03
N ASN A 5 -5.85 -11.05 14.88
CA ASN A 5 -6.22 -11.89 16.01
C ASN A 5 -5.04 -12.44 16.82
N LYS A 6 -3.92 -12.70 16.16
CA LYS A 6 -2.76 -13.24 16.85
C LYS A 6 -1.58 -12.29 16.95
N GLN A 7 -0.91 -12.28 18.09
CA GLN A 7 0.25 -11.44 18.28
C GLN A 7 1.45 -12.32 17.97
N PHE A 8 1.69 -12.55 16.69
CA PHE A 8 2.78 -13.40 16.21
C PHE A 8 4.17 -13.03 16.72
N ASN A 9 5.00 -14.05 16.88
CA ASN A 9 6.40 -13.87 17.25
C ASN A 9 7.08 -14.47 16.03
N TYR A 10 8.15 -13.84 15.56
CA TYR A 10 8.82 -14.36 14.36
C TYR A 10 9.24 -15.81 14.49
N LYS A 11 9.64 -16.23 15.69
CA LYS A 11 10.10 -17.59 15.88
C LYS A 11 9.02 -18.62 16.21
N ASP A 12 7.75 -18.23 16.07
CA ASP A 12 6.67 -19.18 16.33
C ASP A 12 6.80 -20.28 15.26
N PRO A 13 6.59 -21.54 15.64
CA PRO A 13 6.71 -22.65 14.69
C PRO A 13 5.72 -22.58 13.53
N VAL A 14 6.16 -22.95 12.34
CA VAL A 14 5.29 -22.93 11.17
C VAL A 14 4.18 -23.96 11.37
N ASN A 15 3.01 -23.67 10.82
CA ASN A 15 1.88 -24.59 10.94
C ASN A 15 1.26 -24.87 9.58
N GLY A 16 1.83 -24.28 8.53
CA GLY A 16 1.30 -24.49 7.20
C GLY A 16 -0.03 -23.83 6.92
N VAL A 17 -0.50 -23.01 7.86
CA VAL A 17 -1.77 -22.32 7.69
C VAL A 17 -1.57 -20.81 7.70
N ASP A 18 -1.32 -20.23 8.87
CA ASP A 18 -1.09 -18.78 8.95
C ASP A 18 0.35 -18.42 9.30
N ILE A 19 1.18 -19.44 9.52
CA ILE A 19 2.61 -19.25 9.76
C ILE A 19 3.20 -20.32 8.87
N ALA A 20 3.84 -19.92 7.78
CA ALA A 20 4.38 -20.90 6.86
C ALA A 20 5.45 -20.37 5.93
N TYR A 21 6.20 -21.31 5.35
CA TYR A 21 7.22 -20.96 4.38
C TYR A 21 6.46 -20.90 3.07
N ILE A 22 6.71 -19.85 2.29
CA ILE A 22 5.99 -19.68 1.04
C ILE A 22 6.87 -19.24 -0.12
N LYS A 23 6.31 -19.31 -1.33
CA LYS A 23 6.98 -18.86 -2.54
C LYS A 23 6.00 -18.00 -3.30
N ILE A 24 6.49 -16.93 -3.91
CA ILE A 24 5.62 -16.05 -4.67
C ILE A 24 5.85 -16.29 -6.15
N PRO A 25 4.80 -16.12 -6.97
CA PRO A 25 4.86 -16.30 -8.43
C PRO A 25 5.60 -15.20 -9.16
N ASN A 26 6.90 -15.09 -8.91
CA ASN A 26 7.73 -14.09 -9.56
C ASN A 26 8.24 -14.60 -10.90
N ALA A 27 7.75 -15.76 -11.32
CA ALA A 27 8.17 -16.38 -12.57
C ALA A 27 9.66 -16.68 -12.53
N GLY A 28 10.19 -16.84 -11.33
CA GLY A 28 11.59 -17.14 -11.14
C GLY A 28 11.78 -18.24 -10.11
N GLN A 29 13.02 -18.50 -9.75
CA GLN A 29 13.33 -19.54 -8.76
C GLN A 29 13.79 -18.89 -7.47
N MET A 30 13.15 -19.24 -6.35
CA MET A 30 13.52 -18.67 -5.06
C MET A 30 13.40 -19.71 -3.95
N GLN A 31 14.09 -19.46 -2.84
CA GLN A 31 14.02 -20.34 -1.69
C GLN A 31 12.81 -19.84 -0.90
N PRO A 32 12.08 -20.76 -0.23
CA PRO A 32 10.90 -20.34 0.54
C PRO A 32 11.26 -19.36 1.67
N VAL A 33 10.35 -18.42 1.93
CA VAL A 33 10.56 -17.44 2.99
C VAL A 33 9.42 -17.59 4.01
N LYS A 34 9.72 -17.36 5.28
CA LYS A 34 8.71 -17.49 6.32
C LYS A 34 7.77 -16.30 6.27
N ALA A 35 6.46 -16.58 6.17
CA ALA A 35 5.45 -15.54 6.09
C ALA A 35 4.36 -15.76 7.13
N PHE A 36 3.62 -14.69 7.44
CA PHE A 36 2.56 -14.72 8.43
C PHE A 36 1.26 -14.15 7.90
N LYS A 37 0.18 -14.91 8.05
CA LYS A 37 -1.13 -14.46 7.60
C LYS A 37 -1.76 -13.73 8.78
N ILE A 38 -1.81 -12.41 8.71
CA ILE A 38 -2.35 -11.62 9.81
C ILE A 38 -3.86 -11.39 9.77
N HIS A 39 -4.47 -11.59 8.61
CA HIS A 39 -5.91 -11.39 8.46
C HIS A 39 -6.30 -12.08 7.18
N ASN A 40 -7.59 -12.38 7.03
CA ASN A 40 -8.06 -13.03 5.80
C ASN A 40 -7.56 -12.24 4.59
N LYS A 41 -6.94 -12.93 3.65
CA LYS A 41 -6.42 -12.32 2.41
C LYS A 41 -5.19 -11.42 2.58
N ILE A 42 -4.62 -11.32 3.78
CA ILE A 42 -3.47 -10.43 4.00
C ILE A 42 -2.30 -11.12 4.69
N TRP A 43 -1.13 -11.09 4.05
CA TRP A 43 0.09 -11.70 4.60
C TRP A 43 1.22 -10.68 4.78
N VAL A 44 2.15 -11.02 5.67
CA VAL A 44 3.32 -10.19 5.95
C VAL A 44 4.56 -11.07 5.79
N ILE A 45 5.49 -10.61 4.97
CA ILE A 45 6.75 -11.33 4.74
C ILE A 45 7.86 -10.43 5.28
N PRO A 46 8.40 -10.76 6.46
CA PRO A 46 9.47 -9.98 7.10
C PRO A 46 10.84 -10.19 6.43
N GLU A 47 10.91 -9.89 5.13
CA GLU A 47 12.17 -10.03 4.39
C GLU A 47 12.34 -8.82 3.47
N ARG A 48 13.56 -8.53 3.09
CA ARG A 48 13.82 -7.45 2.16
C ARG A 48 13.29 -7.99 0.84
N ASP A 49 12.65 -7.15 0.03
CA ASP A 49 12.11 -7.64 -1.23
C ASP A 49 13.09 -7.79 -2.37
N THR A 50 13.62 -9.00 -2.52
CA THR A 50 14.55 -9.32 -3.59
C THR A 50 13.81 -10.36 -4.44
N PHE A 51 12.49 -10.36 -4.33
CA PHE A 51 11.66 -11.34 -5.02
C PHE A 51 10.71 -10.88 -6.12
N THR A 52 9.95 -9.80 -5.87
CA THR A 52 9.00 -9.32 -6.87
C THR A 52 9.66 -8.87 -8.16
N ASN A 53 10.95 -8.54 -8.08
CA ASN A 53 11.70 -8.10 -9.26
C ASN A 53 13.07 -8.75 -9.24
N PRO A 54 13.33 -9.69 -10.15
CA PRO A 54 14.62 -10.40 -10.22
C PRO A 54 15.80 -9.46 -10.48
N GLU A 55 15.52 -8.28 -11.01
CA GLU A 55 16.56 -7.30 -11.31
C GLU A 55 16.88 -6.42 -10.12
N GLU A 56 16.17 -6.65 -9.01
CA GLU A 56 16.39 -5.89 -7.79
C GLU A 56 16.65 -6.85 -6.65
N GLY A 57 17.65 -7.71 -6.82
CA GLY A 57 17.99 -8.68 -5.79
C GLY A 57 19.28 -8.34 -5.07
N ASP A 58 19.84 -7.18 -5.38
CA ASP A 58 21.09 -6.74 -4.75
C ASP A 58 20.82 -5.58 -3.78
N LEU A 59 21.03 -5.85 -2.49
CA LEU A 59 20.79 -4.85 -1.45
C LEU A 59 21.93 -3.86 -1.28
N ASN A 60 22.98 -4.01 -2.09
CA ASN A 60 24.13 -3.12 -2.01
C ASN A 60 24.13 -2.03 -3.06
N PRO A 61 24.60 -0.82 -2.69
CA PRO A 61 24.66 0.31 -3.63
C PRO A 61 25.85 0.03 -4.55
N PRO A 62 25.59 -0.24 -5.83
CA PRO A 62 26.70 -0.51 -6.76
C PRO A 62 27.86 0.49 -6.67
N PRO A 63 27.58 1.80 -6.85
CA PRO A 63 28.68 2.77 -6.77
C PRO A 63 28.64 3.58 -5.48
N GLU A 64 28.27 4.85 -5.62
CA GLU A 64 28.18 5.76 -4.48
C GLU A 64 27.89 7.16 -5.02
N ALA A 65 27.17 7.21 -6.15
CA ALA A 65 26.83 8.49 -6.77
C ALA A 65 25.74 8.39 -7.84
N LYS A 66 25.25 7.18 -8.10
CA LYS A 66 24.21 7.01 -9.13
C LYS A 66 22.81 7.42 -8.69
N GLN A 67 22.36 6.85 -7.56
CA GLN A 67 21.02 7.12 -7.06
C GLN A 67 20.71 8.54 -6.58
N VAL A 68 19.41 8.83 -6.55
CA VAL A 68 18.89 10.13 -6.13
C VAL A 68 19.26 10.45 -4.69
N PRO A 69 19.21 11.75 -4.32
CA PRO A 69 19.54 12.17 -2.96
C PRO A 69 18.56 11.56 -1.96
N VAL A 70 17.32 11.41 -2.39
CA VAL A 70 16.30 10.81 -1.54
C VAL A 70 16.36 9.30 -1.70
N SER A 71 17.20 8.68 -0.88
CA SER A 71 17.39 7.23 -0.87
C SER A 71 18.22 6.90 0.36
N TYR A 72 18.10 5.68 0.85
CA TYR A 72 18.87 5.26 2.02
C TYR A 72 19.17 3.78 1.89
N TYR A 73 20.45 3.45 1.99
CA TYR A 73 20.88 2.07 1.86
C TYR A 73 21.53 1.50 3.11
N ASP A 74 21.23 0.23 3.36
CA ASP A 74 21.78 -0.54 4.47
C ASP A 74 21.46 -1.99 4.17
N SER A 75 22.43 -2.68 3.56
CA SER A 75 22.25 -4.07 3.17
C SER A 75 21.97 -5.02 4.32
N THR A 76 22.30 -4.61 5.55
CA THR A 76 22.09 -5.47 6.71
C THR A 76 20.73 -5.35 7.38
N TYR A 77 20.00 -4.26 7.12
CA TYR A 77 18.70 -4.09 7.73
C TYR A 77 17.75 -5.27 7.44
N LEU A 78 17.08 -5.77 8.47
CA LEU A 78 16.13 -6.87 8.35
C LEU A 78 16.76 -8.19 7.93
N SER A 79 17.94 -8.49 8.47
CA SER A 79 18.64 -9.73 8.15
C SER A 79 18.68 -10.67 9.34
N THR A 80 18.29 -10.19 10.51
CA THR A 80 18.31 -11.01 11.72
C THR A 80 16.90 -11.33 12.22
N ASP A 81 16.78 -12.40 12.99
CA ASP A 81 15.48 -12.81 13.54
C ASP A 81 14.87 -11.75 14.46
N ASN A 82 15.69 -11.06 15.24
CA ASN A 82 15.17 -10.05 16.14
C ASN A 82 14.55 -8.92 15.31
N GLU A 83 15.24 -8.53 14.24
CA GLU A 83 14.74 -7.47 13.38
C GLU A 83 13.42 -7.88 12.74
N LYS A 84 13.35 -9.14 12.31
CA LYS A 84 12.14 -9.64 11.67
C LYS A 84 10.98 -9.70 12.67
N ASP A 85 11.29 -10.04 13.92
CA ASP A 85 10.28 -10.11 14.97
C ASP A 85 9.73 -8.69 15.19
N ASN A 86 10.62 -7.72 15.28
CA ASN A 86 10.20 -6.34 15.47
C ASN A 86 9.45 -5.80 14.27
N TYR A 87 9.85 -6.22 13.07
CA TYR A 87 9.19 -5.79 11.84
C TYR A 87 7.74 -6.27 11.86
N LEU A 88 7.57 -7.55 12.15
CA LEU A 88 6.24 -8.16 12.20
C LEU A 88 5.34 -7.45 13.23
N LYS A 89 5.90 -7.20 14.41
CA LYS A 89 5.17 -6.53 15.48
C LYS A 89 4.83 -5.08 15.11
N GLY A 90 5.77 -4.39 14.48
CA GLY A 90 5.55 -3.02 14.07
C GLY A 90 4.47 -2.91 13.00
N VAL A 91 4.52 -3.76 12.00
CA VAL A 91 3.51 -3.74 10.94
C VAL A 91 2.15 -4.06 11.54
N THR A 92 2.11 -5.05 12.42
CA THR A 92 0.86 -5.44 13.05
C THR A 92 0.26 -4.27 13.82
N LYS A 93 1.09 -3.57 14.59
CA LYS A 93 0.59 -2.44 15.37
C LYS A 93 0.04 -1.33 14.46
N LEU A 94 0.68 -1.10 13.32
CA LEU A 94 0.19 -0.06 12.42
C LEU A 94 -1.17 -0.46 11.83
N PHE A 95 -1.35 -1.74 11.54
CA PHE A 95 -2.63 -2.21 11.02
C PHE A 95 -3.72 -1.97 12.07
N GLU A 96 -3.39 -2.20 13.33
CA GLU A 96 -4.36 -1.98 14.40
C GLU A 96 -4.69 -0.50 14.55
N ARG A 97 -3.67 0.35 14.45
CA ARG A 97 -3.85 1.79 14.56
C ARG A 97 -4.78 2.26 13.45
N ILE A 98 -4.54 1.78 12.24
CA ILE A 98 -5.37 2.14 11.11
C ILE A 98 -6.79 1.60 11.31
N TYR A 99 -6.89 0.33 11.68
CA TYR A 99 -8.19 -0.30 11.88
C TYR A 99 -9.00 0.34 13.00
N SER A 100 -8.33 0.94 13.97
CA SER A 100 -9.00 1.59 15.10
C SER A 100 -9.79 2.84 14.70
N THR A 101 -9.58 3.33 13.49
CA THR A 101 -10.30 4.52 13.03
C THR A 101 -11.40 4.06 12.08
N ASP A 102 -12.51 4.79 12.03
CA ASP A 102 -13.59 4.39 11.13
C ASP A 102 -13.10 4.37 9.69
N LEU A 103 -12.30 5.36 9.31
CA LEU A 103 -11.79 5.43 7.93
C LEU A 103 -10.91 4.21 7.62
N GLY A 104 -10.04 3.85 8.56
CA GLY A 104 -9.18 2.70 8.36
C GLY A 104 -9.98 1.42 8.26
N ARG A 105 -11.02 1.29 9.10
CA ARG A 105 -11.86 0.10 9.06
C ARG A 105 -12.54 0.02 7.69
N MET A 106 -12.99 1.15 7.18
CA MET A 106 -13.65 1.19 5.88
C MET A 106 -12.66 0.77 4.78
N LEU A 107 -11.47 1.35 4.82
CA LEU A 107 -10.44 1.05 3.83
C LEU A 107 -10.03 -0.43 3.85
N LEU A 108 -9.74 -0.94 5.05
CA LEU A 108 -9.33 -2.34 5.17
C LEU A 108 -10.44 -3.29 4.74
N THR A 109 -11.70 -2.93 5.00
CA THR A 109 -12.82 -3.76 4.59
C THR A 109 -12.87 -3.80 3.07
N SER A 110 -12.70 -2.63 2.44
CA SER A 110 -12.71 -2.56 0.98
C SER A 110 -11.58 -3.40 0.40
N ILE A 111 -10.43 -3.36 1.07
CA ILE A 111 -9.29 -4.13 0.61
C ILE A 111 -9.55 -5.64 0.70
N VAL A 112 -10.11 -6.10 1.81
CA VAL A 112 -10.38 -7.52 1.97
C VAL A 112 -11.41 -7.99 0.94
N ARG A 113 -12.38 -7.13 0.65
CA ARG A 113 -13.42 -7.47 -0.33
C ARG A 113 -12.92 -7.37 -1.76
N GLY A 114 -11.79 -6.68 -1.96
CA GLY A 114 -11.25 -6.46 -3.30
C GLY A 114 -10.47 -7.59 -3.94
N ILE A 115 -11.05 -8.78 -3.94
CA ILE A 115 -10.40 -9.95 -4.52
C ILE A 115 -10.08 -9.73 -6.00
N PRO A 116 -8.84 -10.00 -6.43
CA PRO A 116 -8.50 -9.80 -7.84
C PRO A 116 -9.44 -10.63 -8.71
N PHE A 117 -9.99 -10.01 -9.74
CA PHE A 117 -10.94 -10.69 -10.62
C PHE A 117 -10.41 -11.95 -11.31
N TRP A 118 -11.28 -12.94 -11.41
CA TRP A 118 -10.94 -14.20 -12.07
C TRP A 118 -11.10 -14.00 -13.58
N GLY A 119 -10.11 -13.38 -14.22
CA GLY A 119 -10.18 -13.15 -15.64
C GLY A 119 -9.06 -13.83 -16.40
N GLY A 120 -8.63 -14.99 -15.91
CA GLY A 120 -7.54 -15.69 -16.58
C GLY A 120 -7.98 -16.80 -17.53
N SER A 121 -9.24 -16.76 -17.95
CA SER A 121 -9.77 -17.78 -18.86
C SER A 121 -9.78 -17.26 -20.30
N THR A 122 -9.33 -18.09 -21.24
CA THR A 122 -9.32 -17.72 -22.65
C THR A 122 -10.64 -18.10 -23.31
N ILE A 123 -11.51 -18.73 -22.52
CA ILE A 123 -12.84 -19.15 -22.99
C ILE A 123 -13.87 -18.41 -22.15
N ASP A 124 -14.60 -17.50 -22.77
CA ASP A 124 -15.60 -16.70 -22.08
C ASP A 124 -16.72 -17.47 -21.38
N THR A 125 -16.79 -18.78 -21.58
CA THR A 125 -17.84 -19.57 -20.92
C THR A 125 -17.34 -20.07 -19.57
N GLU A 126 -16.05 -19.90 -19.31
CA GLU A 126 -15.47 -20.35 -18.06
C GLU A 126 -14.81 -19.23 -17.26
N LEU A 127 -14.94 -19.31 -15.94
CA LEU A 127 -14.34 -18.33 -15.04
C LEU A 127 -13.05 -18.96 -14.51
N LYS A 128 -11.93 -18.25 -14.66
CA LYS A 128 -10.64 -18.76 -14.22
C LYS A 128 -9.80 -17.71 -13.49
N VAL A 129 -9.18 -18.13 -12.39
CA VAL A 129 -8.35 -17.21 -11.60
C VAL A 129 -7.03 -16.95 -12.33
N ILE A 130 -6.45 -15.78 -12.10
CA ILE A 130 -5.16 -15.45 -12.71
C ILE A 130 -4.12 -15.90 -11.66
N ASP A 131 -3.35 -16.92 -12.00
CA ASP A 131 -2.38 -17.51 -11.08
C ASP A 131 -1.33 -16.62 -10.41
N THR A 132 -1.18 -15.38 -10.87
CA THR A 132 -0.19 -14.50 -10.24
C THR A 132 -0.78 -13.75 -9.04
N ASN A 133 -2.05 -14.03 -8.73
CA ASN A 133 -2.71 -13.42 -7.59
C ASN A 133 -2.79 -14.43 -6.45
N CYS A 134 -1.80 -15.31 -6.38
CA CYS A 134 -1.74 -16.34 -5.35
C CYS A 134 -0.31 -16.51 -4.88
N ILE A 135 -0.15 -17.25 -3.80
CA ILE A 135 1.18 -17.58 -3.29
C ILE A 135 1.17 -19.07 -3.04
N ASN A 136 2.34 -19.70 -3.09
CA ASN A 136 2.44 -21.13 -2.86
C ASN A 136 2.82 -21.36 -1.40
N VAL A 137 1.93 -22.01 -0.66
CA VAL A 137 2.15 -22.27 0.75
C VAL A 137 2.59 -23.71 1.02
N ILE A 138 3.69 -23.86 1.74
CA ILE A 138 4.16 -25.19 2.08
C ILE A 138 3.30 -25.73 3.22
N GLN A 139 2.67 -26.87 2.99
CA GLN A 139 1.79 -27.51 3.97
C GLN A 139 2.60 -28.37 4.95
N PRO A 140 1.95 -28.86 6.02
CA PRO A 140 2.63 -29.69 7.02
C PRO A 140 3.27 -30.96 6.45
N ASP A 141 2.75 -31.44 5.33
CA ASP A 141 3.29 -32.64 4.72
C ASP A 141 4.39 -32.30 3.72
N GLY A 142 4.78 -31.03 3.69
CA GLY A 142 5.83 -30.58 2.79
C GLY A 142 5.40 -30.23 1.38
N SER A 143 4.15 -30.52 1.04
CA SER A 143 3.65 -30.21 -0.30
C SER A 143 3.23 -28.74 -0.40
N TYR A 144 3.09 -28.27 -1.63
CA TYR A 144 2.69 -26.89 -1.89
C TYR A 144 1.21 -26.79 -2.24
N ARG A 145 0.55 -25.74 -1.76
CA ARG A 145 -0.84 -25.51 -2.08
C ARG A 145 -0.99 -24.03 -2.42
N SER A 146 -1.75 -23.76 -3.47
CA SER A 146 -1.98 -22.40 -3.92
C SER A 146 -3.05 -21.70 -3.10
N GLU A 147 -2.79 -20.46 -2.71
CA GLU A 147 -3.75 -19.68 -1.94
C GLU A 147 -3.89 -18.28 -2.52
N GLU A 148 -5.12 -17.87 -2.80
CA GLU A 148 -5.37 -16.53 -3.33
C GLU A 148 -5.21 -15.57 -2.17
N LEU A 149 -4.71 -14.37 -2.44
CA LEU A 149 -4.57 -13.35 -1.41
C LEU A 149 -4.66 -12.00 -2.08
N ASN A 150 -4.95 -10.96 -1.29
CA ASN A 150 -5.09 -9.62 -1.85
C ASN A 150 -3.91 -8.73 -1.57
N LEU A 151 -3.31 -8.92 -0.41
CA LEU A 151 -2.23 -8.05 0.01
C LEU A 151 -1.08 -8.71 0.75
N VAL A 152 0.13 -8.25 0.44
CA VAL A 152 1.33 -8.72 1.10
C VAL A 152 2.14 -7.50 1.49
N ILE A 153 2.56 -7.45 2.74
CA ILE A 153 3.41 -6.35 3.20
C ILE A 153 4.78 -7.01 3.25
N ILE A 154 5.74 -6.44 2.54
CA ILE A 154 7.08 -7.01 2.52
C ILE A 154 8.10 -5.91 2.77
N GLY A 155 9.31 -6.31 3.19
CA GLY A 155 10.35 -5.34 3.44
C GLY A 155 10.80 -4.65 2.18
N PRO A 156 11.46 -3.48 2.30
CA PRO A 156 11.92 -2.76 1.11
C PRO A 156 13.04 -3.48 0.38
N SER A 157 13.30 -3.07 -0.85
CA SER A 157 14.38 -3.64 -1.64
C SER A 157 15.64 -2.87 -1.26
N ALA A 158 16.56 -2.68 -2.20
CA ALA A 158 17.83 -1.99 -1.91
C ALA A 158 17.64 -0.64 -1.23
N ASP A 159 16.80 0.23 -1.82
CA ASP A 159 16.54 1.53 -1.23
C ASP A 159 15.53 1.33 -0.11
N ILE A 160 15.99 1.42 1.12
CA ILE A 160 15.12 1.21 2.26
C ILE A 160 13.90 2.11 2.33
N ILE A 161 14.03 3.36 1.88
CA ILE A 161 12.90 4.26 1.95
C ILE A 161 12.08 4.40 0.67
N GLN A 162 12.28 3.48 -0.26
CA GLN A 162 11.49 3.51 -1.49
C GLN A 162 10.28 2.62 -1.24
N PHE A 163 9.31 3.14 -0.48
CA PHE A 163 8.08 2.40 -0.19
C PHE A 163 7.20 2.49 -1.42
N GLU A 164 6.51 1.40 -1.76
CA GLU A 164 5.65 1.44 -2.94
C GLU A 164 4.86 0.17 -3.11
N CYS A 165 3.84 0.25 -3.96
CA CYS A 165 3.01 -0.90 -4.28
C CYS A 165 3.54 -1.58 -5.52
N LYS A 166 3.74 -2.88 -5.43
CA LYS A 166 4.23 -3.63 -6.56
C LYS A 166 3.28 -4.80 -6.78
N SER A 167 3.10 -5.17 -8.04
CA SER A 167 2.22 -6.28 -8.34
C SER A 167 2.64 -6.92 -9.65
N PHE A 168 2.36 -8.20 -9.80
CA PHE A 168 2.71 -8.91 -11.01
C PHE A 168 1.76 -8.56 -12.14
N GLY A 169 2.33 -8.24 -13.29
CA GLY A 169 1.53 -7.86 -14.44
C GLY A 169 1.03 -9.06 -15.23
N HIS A 170 0.34 -8.76 -16.32
CA HIS A 170 -0.20 -9.79 -17.19
C HIS A 170 0.35 -9.56 -18.59
N GLU A 171 0.43 -10.63 -19.39
CA GLU A 171 0.95 -10.53 -20.75
C GLU A 171 0.19 -9.53 -21.63
N VAL A 172 -1.10 -9.39 -21.38
CA VAL A 172 -1.91 -8.47 -22.18
C VAL A 172 -2.63 -7.42 -21.33
N LEU A 173 -3.35 -7.90 -20.32
CA LEU A 173 -4.13 -7.05 -19.43
C LEU A 173 -3.32 -6.16 -18.49
N ASN A 174 -3.85 -4.97 -18.24
CA ASN A 174 -3.25 -4.03 -17.31
C ASN A 174 -4.17 -4.19 -16.10
N LEU A 175 -3.87 -5.20 -15.28
CA LEU A 175 -4.68 -5.52 -14.11
C LEU A 175 -4.99 -4.41 -13.12
N THR A 176 -4.09 -3.44 -12.97
CA THR A 176 -4.34 -2.37 -12.03
C THR A 176 -5.10 -1.22 -12.66
N ARG A 177 -5.40 -1.33 -13.96
CA ARG A 177 -6.12 -0.27 -14.64
C ARG A 177 -7.28 -0.73 -15.53
N ASN A 178 -7.68 -1.99 -15.41
CA ASN A 178 -8.79 -2.49 -16.23
C ASN A 178 -9.93 -3.01 -15.36
N GLY A 179 -9.94 -2.57 -14.11
CA GLY A 179 -10.99 -2.99 -13.19
C GLY A 179 -10.80 -4.36 -12.54
N TYR A 180 -9.88 -5.15 -13.08
CA TYR A 180 -9.62 -6.50 -12.56
C TYR A 180 -8.98 -6.53 -11.18
N GLY A 181 -7.88 -5.80 -11.04
CA GLY A 181 -7.17 -5.79 -9.79
C GLY A 181 -6.17 -6.93 -9.79
N SER A 182 -5.21 -6.87 -8.88
CA SER A 182 -4.18 -7.90 -8.76
C SER A 182 -3.62 -7.85 -7.35
N THR A 183 -3.00 -8.95 -6.93
CA THR A 183 -2.42 -9.02 -5.59
C THR A 183 -1.36 -7.94 -5.44
N GLN A 184 -1.48 -7.15 -4.38
CA GLN A 184 -0.56 -6.06 -4.14
C GLN A 184 0.51 -6.37 -3.11
N TYR A 185 1.75 -6.04 -3.46
CA TYR A 185 2.90 -6.25 -2.60
C TYR A 185 3.39 -4.86 -2.20
N ILE A 186 3.24 -4.51 -0.93
CA ILE A 186 3.70 -3.20 -0.49
C ILE A 186 5.06 -3.26 0.16
N ARG A 187 6.05 -2.60 -0.47
CA ARG A 187 7.38 -2.54 0.09
C ARG A 187 7.25 -1.47 1.17
N PHE A 188 7.48 -1.86 2.42
CA PHE A 188 7.30 -0.92 3.52
C PHE A 188 8.11 -1.31 4.75
N SER A 189 8.45 -0.32 5.57
CA SER A 189 9.16 -0.57 6.80
C SER A 189 8.62 0.31 7.90
N PRO A 190 8.34 -0.27 9.08
CA PRO A 190 7.83 0.48 10.23
C PRO A 190 9.00 0.95 11.09
N ASP A 191 10.21 0.61 10.66
CA ASP A 191 11.43 0.93 11.39
C ASP A 191 12.12 2.24 11.05
N PHE A 192 11.56 2.96 10.08
CA PHE A 192 12.10 4.24 9.65
C PHE A 192 10.93 5.16 9.34
N THR A 193 11.19 6.46 9.31
CA THR A 193 10.16 7.42 8.93
C THR A 193 10.82 8.69 8.45
N PHE A 194 10.04 9.54 7.78
CA PHE A 194 10.53 10.78 7.22
C PHE A 194 10.31 11.98 8.11
N GLY A 195 11.15 12.99 7.96
CA GLY A 195 11.01 14.21 8.72
C GLY A 195 10.51 15.30 7.80
N PHE A 196 9.60 16.13 8.30
CA PHE A 196 9.06 17.22 7.49
C PHE A 196 9.07 18.50 8.33
N GLU A 197 8.75 19.62 7.69
CA GLU A 197 8.74 20.90 8.38
C GLU A 197 7.34 21.46 8.61
N GLU A 198 7.15 22.05 9.79
CA GLU A 198 5.86 22.58 10.18
C GLU A 198 5.39 23.85 9.44
N SER A 199 6.33 24.59 8.85
CA SER A 199 5.97 25.80 8.09
C SER A 199 5.92 25.44 6.61
N LEU A 200 4.81 25.76 5.97
CA LEU A 200 4.64 25.43 4.55
C LEU A 200 5.73 26.00 3.66
N GLU A 201 6.12 27.26 3.89
CA GLU A 201 7.15 27.89 3.08
C GLU A 201 8.49 27.19 3.24
N VAL A 202 8.68 26.52 4.39
CA VAL A 202 9.92 25.81 4.63
C VAL A 202 9.82 24.38 4.07
N ASP A 203 8.69 23.73 4.32
CA ASP A 203 8.51 22.36 3.86
C ASP A 203 8.57 22.22 2.34
N THR A 204 8.08 23.24 1.63
CA THR A 204 8.06 23.21 0.18
C THR A 204 9.31 23.82 -0.48
N ASN A 205 10.31 24.11 0.33
CA ASN A 205 11.55 24.69 -0.18
C ASN A 205 12.66 23.65 -0.03
N PRO A 206 13.39 23.37 -1.11
CA PRO A 206 14.47 22.37 -1.08
C PRO A 206 15.75 22.78 -0.37
N LEU A 207 15.84 24.04 0.05
CA LEU A 207 17.05 24.52 0.71
C LEU A 207 16.90 24.76 2.21
N LEU A 208 15.69 24.60 2.73
CA LEU A 208 15.42 24.88 4.15
C LEU A 208 14.84 23.74 4.98
N GLY A 209 15.18 23.74 6.27
CA GLY A 209 14.65 22.74 7.18
C GLY A 209 15.46 21.48 7.33
N ALA A 210 15.49 20.97 8.57
CA ALA A 210 16.23 19.75 8.86
C ALA A 210 15.29 18.57 9.12
N GLY A 211 13.99 18.84 9.18
CA GLY A 211 13.02 17.77 9.43
C GLY A 211 12.67 17.69 10.91
N LYS A 212 12.13 18.78 11.44
CA LYS A 212 11.79 18.83 12.86
C LYS A 212 10.70 17.85 13.31
N PHE A 213 9.69 17.64 12.47
CA PHE A 213 8.61 16.73 12.82
C PHE A 213 8.67 15.45 12.02
N ALA A 214 8.33 14.34 12.68
CA ALA A 214 8.35 13.04 12.04
C ALA A 214 6.98 12.61 11.55
N THR A 215 6.96 12.09 10.33
CA THR A 215 5.73 11.59 9.74
C THR A 215 5.32 10.34 10.54
N ASP A 216 4.04 10.25 10.89
CA ASP A 216 3.57 9.07 11.63
C ASP A 216 3.56 7.91 10.64
N PRO A 217 4.29 6.83 10.93
CA PRO A 217 4.29 5.70 10.00
C PRO A 217 2.92 5.10 9.65
N ALA A 218 1.92 5.31 10.50
CA ALA A 218 0.57 4.80 10.21
C ALA A 218 0.00 5.52 8.99
N VAL A 219 0.37 6.80 8.83
CA VAL A 219 -0.10 7.57 7.68
C VAL A 219 0.58 7.04 6.43
N THR A 220 1.88 6.77 6.55
CA THR A 220 2.65 6.25 5.42
C THR A 220 2.10 4.91 4.96
N LEU A 221 1.79 4.01 5.89
CA LEU A 221 1.25 2.72 5.49
C LEU A 221 -0.15 2.91 4.90
N ALA A 222 -0.96 3.78 5.52
CA ALA A 222 -2.31 4.04 5.01
C ALA A 222 -2.23 4.55 3.58
N HIS A 223 -1.25 5.42 3.33
CA HIS A 223 -1.04 5.98 2.00
C HIS A 223 -0.82 4.83 1.01
N GLU A 224 0.03 3.88 1.36
CA GLU A 224 0.29 2.75 0.49
C GLU A 224 -0.95 1.87 0.36
N LEU A 225 -1.72 1.74 1.45
CA LEU A 225 -2.93 0.92 1.39
C LEU A 225 -3.97 1.55 0.46
N ILE A 226 -3.97 2.88 0.39
CA ILE A 226 -4.89 3.60 -0.48
C ILE A 226 -4.51 3.26 -1.93
N HIS A 227 -3.21 3.26 -2.23
CA HIS A 227 -2.76 2.89 -3.56
C HIS A 227 -3.19 1.45 -3.82
N ALA A 228 -2.99 0.59 -2.85
CA ALA A 228 -3.35 -0.82 -2.97
C ALA A 228 -4.82 -0.97 -3.29
N GLY A 229 -5.65 -0.15 -2.67
CA GLY A 229 -7.08 -0.19 -2.91
C GLY A 229 -7.39 0.16 -4.36
N HIS A 230 -6.78 1.22 -4.86
CA HIS A 230 -7.00 1.62 -6.25
C HIS A 230 -6.60 0.45 -7.16
N ARG A 231 -5.45 -0.14 -6.89
CA ARG A 231 -4.94 -1.23 -7.70
C ARG A 231 -5.74 -2.53 -7.60
N LEU A 232 -6.28 -2.82 -6.42
CA LEU A 232 -7.07 -4.04 -6.25
C LEU A 232 -8.42 -3.94 -6.98
N TYR A 233 -8.90 -2.71 -7.15
CA TYR A 233 -10.15 -2.50 -7.84
C TYR A 233 -9.90 -2.12 -9.30
N GLY A 234 -8.63 -2.20 -9.70
CA GLY A 234 -8.25 -1.90 -11.07
C GLY A 234 -8.55 -0.50 -11.58
N ILE A 235 -8.47 0.48 -10.68
CA ILE A 235 -8.74 1.86 -11.08
C ILE A 235 -7.58 2.81 -10.82
N ALA A 236 -6.35 2.29 -10.81
CA ALA A 236 -5.19 3.12 -10.59
C ALA A 236 -5.02 3.98 -11.85
N ILE A 237 -4.55 5.22 -11.69
CA ILE A 237 -4.36 6.10 -12.83
C ILE A 237 -2.99 5.84 -13.46
N ASN A 238 -2.98 5.66 -14.77
CA ASN A 238 -1.73 5.40 -15.49
C ASN A 238 -0.68 6.42 -15.07
N PRO A 239 0.50 5.95 -14.63
CA PRO A 239 1.56 6.87 -14.20
C PRO A 239 2.04 7.85 -15.27
N ASN A 240 1.66 7.63 -16.53
CA ASN A 240 2.07 8.56 -17.59
C ASN A 240 1.21 9.82 -17.52
N ARG A 241 0.11 9.73 -16.77
CA ARG A 241 -0.77 10.88 -16.61
C ARG A 241 -0.23 11.64 -15.40
N VAL A 242 0.45 12.75 -15.68
CA VAL A 242 1.07 13.55 -14.64
C VAL A 242 0.67 15.02 -14.63
N PHE A 243 1.06 15.69 -13.55
CA PHE A 243 0.81 17.10 -13.37
C PHE A 243 2.15 17.81 -13.50
N LYS A 244 2.30 18.64 -14.52
CA LYS A 244 3.53 19.39 -14.69
C LYS A 244 3.44 20.52 -13.67
N VAL A 245 3.96 20.25 -12.48
CA VAL A 245 3.92 21.20 -11.37
C VAL A 245 4.29 22.62 -11.77
N ASN A 246 3.33 23.52 -11.61
CA ASN A 246 3.53 24.93 -11.94
C ASN A 246 3.15 25.81 -10.75
N THR A 247 3.09 25.19 -9.57
CA THR A 247 2.74 25.90 -8.35
C THR A 247 3.92 25.95 -7.38
N ASN A 248 5.08 25.51 -7.85
CA ASN A 248 6.29 25.50 -7.05
C ASN A 248 7.47 25.77 -7.96
N ALA A 249 8.08 26.94 -7.80
CA ALA A 249 9.21 27.35 -8.61
C ALA A 249 10.37 26.36 -8.65
N TYR A 250 10.59 25.65 -7.54
CA TYR A 250 11.68 24.68 -7.48
C TYR A 250 11.37 23.43 -8.27
N TYR A 251 10.10 23.02 -8.26
CA TYR A 251 9.67 21.85 -9.02
C TYR A 251 9.72 22.22 -10.50
N GLU A 252 9.12 23.36 -10.81
CA GLU A 252 9.04 23.86 -12.17
C GLU A 252 10.40 24.13 -12.82
N MET A 253 11.34 24.68 -12.06
CA MET A 253 12.66 24.97 -12.59
C MET A 253 13.41 23.70 -12.96
N SER A 254 12.90 22.56 -12.52
CA SER A 254 13.54 21.27 -12.80
C SER A 254 12.64 20.35 -13.62
N GLY A 255 11.51 20.88 -14.08
CA GLY A 255 10.59 20.09 -14.87
C GLY A 255 10.09 18.85 -14.14
N LEU A 256 10.00 18.94 -12.82
CA LEU A 256 9.53 17.82 -12.03
C LEU A 256 8.03 17.61 -12.24
N GLU A 257 7.64 16.36 -12.47
CA GLU A 257 6.24 16.04 -12.69
C GLU A 257 5.78 15.08 -11.61
N VAL A 258 4.50 15.17 -11.25
CA VAL A 258 3.92 14.31 -10.23
C VAL A 258 2.68 13.63 -10.82
N SER A 259 2.62 12.31 -10.70
CA SER A 259 1.49 11.55 -11.24
C SER A 259 0.17 11.91 -10.59
N PHE A 260 -0.91 11.81 -11.36
CA PHE A 260 -2.25 12.09 -10.85
C PHE A 260 -2.58 11.08 -9.75
N GLU A 261 -2.08 9.85 -9.90
CA GLU A 261 -2.32 8.79 -8.92
C GLU A 261 -1.83 9.21 -7.53
N GLU A 262 -0.70 9.91 -7.47
CA GLU A 262 -0.18 10.38 -6.19
C GLU A 262 -1.01 11.55 -5.65
N LEU A 263 -1.37 12.48 -6.53
CA LEU A 263 -2.17 13.62 -6.11
C LEU A 263 -3.52 13.15 -5.60
N ARG A 264 -4.11 12.17 -6.29
CA ARG A 264 -5.40 11.61 -5.91
C ARG A 264 -5.27 10.99 -4.51
N THR A 265 -4.21 10.20 -4.36
CA THR A 265 -3.96 9.50 -3.11
C THR A 265 -3.75 10.43 -1.93
N PHE A 266 -3.04 11.54 -2.15
CA PHE A 266 -2.83 12.49 -1.07
C PHE A 266 -4.18 13.14 -0.74
N GLY A 267 -4.91 13.57 -1.77
CA GLY A 267 -6.21 14.19 -1.55
C GLY A 267 -6.12 15.66 -1.24
N GLY A 268 -7.07 16.15 -0.43
CA GLY A 268 -7.07 17.56 -0.07
C GLY A 268 -6.99 18.48 -1.28
N HIS A 269 -6.20 19.55 -1.16
CA HIS A 269 -6.06 20.50 -2.27
C HIS A 269 -5.27 19.93 -3.44
N ASP A 270 -4.41 18.96 -3.18
CA ASP A 270 -3.61 18.34 -4.24
C ASP A 270 -4.45 17.71 -5.33
N ALA A 271 -5.55 17.06 -4.94
CA ALA A 271 -6.43 16.40 -5.88
C ALA A 271 -7.04 17.39 -6.87
N LYS A 272 -7.11 18.66 -6.47
CA LYS A 272 -7.67 19.70 -7.33
C LYS A 272 -6.80 19.98 -8.56
N PHE A 273 -5.55 19.52 -8.54
CA PHE A 273 -4.67 19.74 -9.68
C PHE A 273 -5.03 18.86 -10.87
N ILE A 274 -5.89 17.88 -10.65
CA ILE A 274 -6.36 17.00 -11.72
C ILE A 274 -7.62 17.67 -12.27
N ASP A 275 -7.53 18.24 -13.47
CA ASP A 275 -8.68 18.94 -14.06
C ASP A 275 -9.92 18.09 -14.23
N SER A 276 -11.08 18.75 -14.17
CA SER A 276 -12.38 18.11 -14.31
C SER A 276 -12.57 17.25 -15.56
N LEU A 277 -12.13 17.76 -16.70
CA LEU A 277 -12.28 17.02 -17.95
C LEU A 277 -11.59 15.66 -17.93
N GLN A 278 -10.38 15.62 -17.39
CA GLN A 278 -9.64 14.37 -17.31
C GLN A 278 -10.22 13.47 -16.21
N GLU A 279 -10.66 14.08 -15.13
CA GLU A 279 -11.25 13.34 -14.03
C GLU A 279 -12.46 12.57 -14.53
N ASN A 280 -13.27 13.23 -15.35
CA ASN A 280 -14.46 12.60 -15.90
C ASN A 280 -14.06 11.53 -16.90
N GLU A 281 -12.98 11.80 -17.62
CA GLU A 281 -12.46 10.86 -18.60
C GLU A 281 -12.12 9.55 -17.91
N PHE A 282 -11.42 9.65 -16.78
CA PHE A 282 -11.04 8.48 -16.01
C PHE A 282 -12.28 7.75 -15.49
N ARG A 283 -13.21 8.52 -14.90
CA ARG A 283 -14.43 7.94 -14.36
C ARG A 283 -15.20 7.12 -15.39
N LEU A 284 -15.35 7.67 -16.60
CA LEU A 284 -16.06 6.98 -17.67
C LEU A 284 -15.32 5.72 -18.05
N TYR A 285 -14.00 5.83 -18.18
CA TYR A 285 -13.14 4.71 -18.55
C TYR A 285 -13.36 3.54 -17.61
N TYR A 286 -13.17 3.78 -16.31
CA TYR A 286 -13.33 2.71 -15.34
C TYR A 286 -14.76 2.22 -15.26
N TYR A 287 -15.71 3.11 -15.52
CA TYR A 287 -17.12 2.73 -15.52
C TYR A 287 -17.33 1.64 -16.56
N ASN A 288 -16.73 1.84 -17.73
CA ASN A 288 -16.84 0.87 -18.82
C ASN A 288 -16.15 -0.43 -18.45
N LYS A 289 -15.00 -0.33 -17.81
CA LYS A 289 -14.26 -1.52 -17.40
C LYS A 289 -15.11 -2.38 -16.47
N PHE A 290 -15.86 -1.73 -15.60
CA PHE A 290 -16.73 -2.44 -14.67
C PHE A 290 -17.85 -3.10 -15.47
N LYS A 291 -18.32 -2.43 -16.52
CA LYS A 291 -19.38 -2.99 -17.35
C LYS A 291 -18.88 -4.27 -18.02
N ASP A 292 -17.63 -4.26 -18.46
CA ASP A 292 -17.04 -5.43 -19.11
C ASP A 292 -16.93 -6.59 -18.13
N ILE A 293 -16.69 -6.29 -16.86
CA ILE A 293 -16.60 -7.33 -15.85
C ILE A 293 -17.97 -7.95 -15.62
N ALA A 294 -18.99 -7.10 -15.61
CA ALA A 294 -20.36 -7.58 -15.41
C ALA A 294 -20.71 -8.46 -16.60
N SER A 295 -20.28 -8.02 -17.79
CA SER A 295 -20.53 -8.75 -19.02
C SER A 295 -19.84 -10.10 -18.98
N THR A 296 -18.58 -10.11 -18.55
CA THR A 296 -17.81 -11.34 -18.47
C THR A 296 -18.45 -12.32 -17.48
N LEU A 297 -19.01 -11.79 -16.41
CA LEU A 297 -19.66 -12.63 -15.40
C LEU A 297 -20.93 -13.25 -15.96
N ASN A 298 -21.67 -12.50 -16.78
CA ASN A 298 -22.89 -13.02 -17.36
C ASN A 298 -22.63 -14.13 -18.37
N LYS A 299 -21.45 -14.11 -19.00
CA LYS A 299 -21.09 -15.13 -19.98
C LYS A 299 -20.58 -16.42 -19.33
N ALA A 300 -20.08 -16.30 -18.11
CA ALA A 300 -19.54 -17.45 -17.39
C ALA A 300 -20.59 -18.53 -17.17
N LYS A 301 -20.31 -19.72 -17.68
CA LYS A 301 -21.24 -20.85 -17.55
C LYS A 301 -20.64 -22.00 -16.73
N SER A 302 -19.41 -21.83 -16.29
CA SER A 302 -18.74 -22.84 -15.49
C SER A 302 -17.48 -22.28 -14.84
N ILE A 303 -17.18 -22.76 -13.63
CA ILE A 303 -16.01 -22.32 -12.90
C ILE A 303 -14.90 -23.36 -12.97
N VAL A 304 -13.65 -22.89 -12.97
CA VAL A 304 -12.50 -23.79 -13.01
C VAL A 304 -11.94 -23.92 -11.60
N GLY A 305 -11.74 -25.16 -11.16
CA GLY A 305 -11.21 -25.39 -9.82
C GLY A 305 -12.25 -25.95 -8.88
N THR A 306 -11.84 -26.22 -7.63
CA THR A 306 -12.74 -26.77 -6.63
C THR A 306 -12.72 -26.00 -5.31
N THR A 307 -12.05 -24.85 -5.31
CA THR A 307 -11.96 -24.04 -4.10
C THR A 307 -13.31 -23.42 -3.75
N ALA A 308 -14.11 -23.12 -4.76
CA ALA A 308 -15.42 -22.51 -4.56
C ALA A 308 -16.36 -22.79 -5.72
N SER A 309 -17.64 -22.50 -5.51
CA SER A 309 -18.65 -22.70 -6.55
C SER A 309 -18.76 -21.49 -7.46
N LEU A 310 -19.26 -21.70 -8.68
CA LEU A 310 -19.43 -20.60 -9.63
C LEU A 310 -20.34 -19.54 -9.04
N GLN A 311 -21.41 -19.97 -8.38
CA GLN A 311 -22.34 -19.03 -7.77
C GLN A 311 -21.64 -18.22 -6.68
N TYR A 312 -20.78 -18.88 -5.91
CA TYR A 312 -20.06 -18.20 -4.84
C TYR A 312 -19.14 -17.13 -5.42
N MET A 313 -18.37 -17.50 -6.43
CA MET A 313 -17.44 -16.54 -7.05
C MET A 313 -18.19 -15.42 -7.75
N LYS A 314 -19.32 -15.72 -8.38
CA LYS A 314 -20.08 -14.68 -9.05
C LYS A 314 -20.58 -13.68 -8.01
N ASN A 315 -20.95 -14.19 -6.85
CA ASN A 315 -21.44 -13.36 -5.76
C ASN A 315 -20.29 -12.56 -5.14
N VAL A 316 -19.11 -13.16 -5.11
CA VAL A 316 -17.93 -12.49 -4.55
C VAL A 316 -17.66 -11.20 -5.33
N PHE A 317 -17.77 -11.29 -6.65
CA PHE A 317 -17.52 -10.14 -7.50
C PHE A 317 -18.72 -9.21 -7.60
N LYS A 318 -19.89 -9.71 -7.25
CA LYS A 318 -21.09 -8.88 -7.25
C LYS A 318 -20.92 -7.92 -6.08
N GLU A 319 -20.39 -8.45 -4.98
CA GLU A 319 -20.17 -7.67 -3.77
C GLU A 319 -18.97 -6.73 -3.90
N LYS A 320 -17.92 -7.20 -4.56
CA LYS A 320 -16.72 -6.37 -4.75
C LYS A 320 -17.04 -5.11 -5.54
N TYR A 321 -17.62 -5.31 -6.73
CA TYR A 321 -17.96 -4.21 -7.62
C TYR A 321 -19.35 -3.64 -7.40
N LEU A 322 -20.05 -4.14 -6.38
CA LEU A 322 -21.40 -3.68 -6.06
C LEU A 322 -22.30 -3.67 -7.30
N LEU A 323 -22.31 -4.78 -8.03
CA LEU A 323 -23.12 -4.91 -9.23
C LEU A 323 -24.58 -5.16 -8.87
N SER A 324 -25.47 -4.88 -9.82
CA SER A 324 -26.88 -5.10 -9.61
C SER A 324 -27.26 -6.45 -10.23
N GLU A 325 -28.15 -7.18 -9.56
CA GLU A 325 -28.59 -8.49 -10.06
C GLU A 325 -30.10 -8.47 -10.26
N ASP A 326 -30.55 -8.66 -11.50
CA ASP A 326 -31.97 -8.64 -11.81
C ASP A 326 -32.67 -9.99 -11.64
N THR A 327 -33.68 -10.23 -12.47
CA THR A 327 -34.46 -11.47 -12.42
C THR A 327 -33.65 -12.71 -12.82
N SER A 328 -33.17 -12.74 -14.05
CA SER A 328 -32.40 -13.86 -14.57
C SER A 328 -31.02 -13.99 -13.91
N GLY A 329 -30.78 -13.16 -12.89
CA GLY A 329 -29.49 -13.21 -12.22
C GLY A 329 -28.41 -12.57 -13.08
N LYS A 330 -28.84 -11.73 -14.02
CA LYS A 330 -27.92 -11.04 -14.92
C LYS A 330 -27.34 -9.83 -14.21
N PHE A 331 -26.03 -9.67 -14.29
CA PHE A 331 -25.35 -8.55 -13.64
C PHE A 331 -25.24 -7.31 -14.52
N SER A 332 -25.23 -6.14 -13.88
CA SER A 332 -25.10 -4.88 -14.57
C SER A 332 -24.51 -3.86 -13.60
N VAL A 333 -23.91 -2.81 -14.14
CA VAL A 333 -23.33 -1.76 -13.31
C VAL A 333 -24.28 -0.58 -13.19
N ASP A 334 -24.65 -0.28 -11.95
CA ASP A 334 -25.53 0.82 -11.63
C ASP A 334 -24.66 2.08 -11.57
N LYS A 335 -25.06 3.12 -12.30
CA LYS A 335 -24.32 4.37 -12.38
C LYS A 335 -24.08 4.97 -11.00
N LEU A 336 -25.15 5.07 -10.21
CA LEU A 336 -25.11 5.61 -8.85
C LEU A 336 -24.17 4.81 -7.94
N LYS A 337 -24.30 3.48 -7.95
CA LYS A 337 -23.45 2.62 -7.13
C LYS A 337 -21.97 2.69 -7.56
N PHE A 338 -21.75 2.81 -8.86
CA PHE A 338 -20.38 2.92 -9.37
C PHE A 338 -19.74 4.21 -8.88
N ASP A 339 -20.44 5.32 -9.09
CA ASP A 339 -19.92 6.61 -8.67
C ASP A 339 -19.62 6.62 -7.18
N LYS A 340 -20.48 5.98 -6.39
CA LYS A 340 -20.30 5.92 -4.95
C LYS A 340 -19.07 5.09 -4.55
N LEU A 341 -18.88 3.97 -5.23
CA LEU A 341 -17.74 3.10 -4.92
C LEU A 341 -16.44 3.74 -5.42
N TYR A 342 -16.48 4.28 -6.63
CA TYR A 342 -15.32 4.92 -7.22
C TYR A 342 -14.88 6.07 -6.32
N LYS A 343 -15.84 6.88 -5.88
CA LYS A 343 -15.56 8.00 -5.01
C LYS A 343 -15.02 7.58 -3.65
N MET A 344 -15.59 6.51 -3.10
CA MET A 344 -15.13 6.00 -1.80
C MET A 344 -13.64 5.69 -1.88
N LEU A 345 -13.27 4.91 -2.88
CA LEU A 345 -11.89 4.48 -3.09
C LEU A 345 -10.92 5.60 -3.48
N THR A 346 -11.42 6.66 -4.11
CA THR A 346 -10.55 7.73 -4.57
C THR A 346 -10.59 9.07 -3.82
N GLU A 347 -11.74 9.40 -3.24
CA GLU A 347 -11.91 10.66 -2.52
C GLU A 347 -12.02 10.50 -1.01
N ILE A 348 -12.68 9.44 -0.57
CA ILE A 348 -12.83 9.23 0.86
C ILE A 348 -11.54 8.69 1.46
N TYR A 349 -10.95 7.68 0.81
CA TYR A 349 -9.70 7.12 1.31
C TYR A 349 -8.51 7.92 0.77
N THR A 350 -8.05 8.90 1.56
CA THR A 350 -6.91 9.72 1.14
C THR A 350 -6.00 9.96 2.33
N GLU A 351 -4.76 10.32 2.05
CA GLU A 351 -3.79 10.61 3.11
C GLU A 351 -4.33 11.75 3.96
N ASP A 352 -4.78 12.81 3.31
CA ASP A 352 -5.28 13.97 4.04
C ASP A 352 -6.40 13.60 5.01
N ASN A 353 -7.32 12.73 4.61
CA ASN A 353 -8.38 12.34 5.53
C ASN A 353 -7.85 11.49 6.69
N PHE A 354 -6.85 10.65 6.43
CA PHE A 354 -6.30 9.84 7.51
C PHE A 354 -5.64 10.73 8.56
N VAL A 355 -5.01 11.81 8.11
CA VAL A 355 -4.38 12.75 9.03
C VAL A 355 -5.44 13.27 9.99
N LYS A 356 -6.63 13.59 9.46
CA LYS A 356 -7.70 14.10 10.30
C LYS A 356 -8.12 13.08 11.35
N PHE A 357 -8.19 11.82 10.95
CA PHE A 357 -8.58 10.76 11.88
C PHE A 357 -7.52 10.46 12.93
N PHE A 358 -6.25 10.47 12.54
CA PHE A 358 -5.16 10.20 13.48
C PHE A 358 -4.84 11.41 14.35
N LYS A 359 -5.27 12.60 13.92
CA LYS A 359 -5.00 13.83 14.66
C LYS A 359 -3.49 14.01 14.82
N VAL A 360 -2.75 13.88 13.72
CA VAL A 360 -1.30 14.04 13.75
C VAL A 360 -0.89 15.20 12.85
N LEU A 361 0.35 15.64 13.01
CA LEU A 361 0.87 16.71 12.15
C LEU A 361 1.38 15.93 10.94
N ASN A 362 1.26 16.50 9.75
CA ASN A 362 1.66 15.79 8.54
C ASN A 362 1.95 16.85 7.48
N ARG A 363 2.65 16.46 6.42
CA ARG A 363 2.92 17.41 5.34
C ARG A 363 1.55 17.88 4.88
N LYS A 364 1.45 19.14 4.48
CA LYS A 364 0.19 19.72 4.04
C LYS A 364 -0.08 19.47 2.56
N THR A 365 0.96 19.03 1.86
CA THR A 365 0.86 18.77 0.44
C THR A 365 1.92 17.75 0.01
N TYR A 366 1.65 17.05 -1.08
CA TYR A 366 2.57 16.05 -1.62
C TYR A 366 3.69 16.79 -2.34
N LEU A 367 3.38 18.02 -2.75
CA LEU A 367 4.34 18.84 -3.49
C LEU A 367 5.29 19.59 -2.58
N ASN A 368 6.16 18.85 -1.90
CA ASN A 368 7.13 19.45 -0.99
C ASN A 368 8.48 18.80 -1.25
N PHE A 369 9.42 19.01 -0.32
CA PHE A 369 10.74 18.42 -0.45
C PHE A 369 11.09 17.70 0.85
N ASP A 370 11.44 16.42 0.74
CA ASP A 370 11.79 15.63 1.91
C ASP A 370 12.98 16.25 2.65
N LYS A 371 12.98 16.16 3.97
CA LYS A 371 14.05 16.76 4.76
C LYS A 371 15.05 15.75 5.31
N ALA A 372 14.54 14.66 5.87
CA ALA A 372 15.42 13.66 6.45
C ALA A 372 14.72 12.33 6.69
N VAL A 373 15.53 11.32 7.04
CA VAL A 373 15.00 10.00 7.37
C VAL A 373 15.54 9.64 8.75
N PHE A 374 14.67 9.12 9.59
CA PHE A 374 14.98 8.75 10.98
C PHE A 374 14.77 7.26 11.22
N LYS A 375 15.54 6.74 12.17
CA LYS A 375 15.39 5.34 12.57
C LYS A 375 14.46 5.45 13.78
N ILE A 376 13.48 4.57 13.87
CA ILE A 376 12.54 4.60 14.99
C ILE A 376 12.24 3.18 15.47
N ASN A 377 11.50 3.08 16.56
CA ASN A 377 11.09 1.80 17.11
C ASN A 377 9.71 1.99 17.74
N ILE A 378 8.68 1.65 16.98
CA ILE A 378 7.31 1.83 17.46
C ILE A 378 6.74 0.65 18.24
N VAL A 379 7.49 -0.44 18.33
CA VAL A 379 7.01 -1.63 19.03
C VAL A 379 6.73 -1.43 20.52
N PRO A 380 7.66 -0.80 21.26
CA PRO A 380 7.43 -0.59 22.70
C PRO A 380 6.28 0.39 22.95
N LYS A 381 5.36 0.03 23.85
CA LYS A 381 4.23 0.90 24.13
C LYS A 381 4.68 2.22 24.73
N VAL A 382 5.87 2.25 25.30
CA VAL A 382 6.37 3.48 25.90
C VAL A 382 6.82 4.45 24.82
N ASN A 383 6.91 3.94 23.59
CA ASN A 383 7.33 4.78 22.44
C ASN A 383 6.19 5.16 21.52
N TYR A 384 5.29 4.21 21.26
CA TYR A 384 4.23 4.43 20.29
C TYR A 384 3.03 3.53 20.62
N THR A 385 1.82 4.05 20.49
CA THR A 385 0.64 3.24 20.76
C THR A 385 -0.35 3.26 19.62
N ILE A 386 -1.20 2.24 19.60
CA ILE A 386 -2.24 2.10 18.59
C ILE A 386 -3.15 3.32 18.60
N TYR A 387 -3.44 3.81 19.80
CA TYR A 387 -4.34 4.94 19.98
C TYR A 387 -3.77 6.35 19.73
N ASP A 388 -2.53 6.58 20.15
CA ASP A 388 -1.96 7.92 20.00
C ASP A 388 -0.70 8.04 19.15
N GLY A 389 -0.20 6.93 18.61
CA GLY A 389 1.02 7.02 17.83
C GLY A 389 2.10 7.49 18.79
N PHE A 390 2.90 8.48 18.38
CA PHE A 390 3.97 9.02 19.22
C PHE A 390 3.47 10.01 20.27
N ASN A 391 2.31 10.59 20.03
CA ASN A 391 1.73 11.61 20.92
C ASN A 391 0.98 10.98 22.10
N LEU A 392 1.72 10.28 22.95
CA LEU A 392 1.18 9.58 24.10
C LEU A 392 0.37 10.44 25.08
N ARG A 393 -0.90 10.07 25.24
CA ARG A 393 -1.80 10.78 26.14
C ARG A 393 -1.28 10.71 27.58
N ASN A 394 -1.58 11.73 28.36
CA ASN A 394 -1.18 11.78 29.76
C ASN A 394 0.33 11.84 29.98
N THR A 395 1.04 12.43 29.01
CA THR A 395 2.49 12.60 29.10
C THR A 395 2.79 13.95 28.47
N ASN A 396 4.04 14.37 28.55
CA ASN A 396 4.44 15.65 27.99
C ASN A 396 4.40 15.60 26.46
N LEU A 397 4.13 14.42 25.91
CA LEU A 397 4.07 14.26 24.45
C LEU A 397 2.66 14.30 23.89
N ALA A 398 1.66 14.38 24.77
CA ALA A 398 0.26 14.39 24.36
C ALA A 398 -0.19 15.60 23.54
N ALA A 399 0.27 16.78 23.90
CA ALA A 399 -0.16 17.98 23.20
C ALA A 399 0.80 18.56 22.17
N ASN A 400 0.24 19.36 21.27
CA ASN A 400 0.99 20.03 20.23
C ASN A 400 1.87 19.10 19.40
N PHE A 401 1.43 17.85 19.25
CA PHE A 401 2.18 16.87 18.47
C PHE A 401 3.61 16.74 19.00
N ASN A 402 3.78 16.94 20.30
CA ASN A 402 5.11 16.84 20.91
C ASN A 402 5.78 15.49 20.67
N GLY A 403 4.98 14.45 20.52
CA GLY A 403 5.53 13.12 20.28
C GLY A 403 6.20 13.03 18.92
N GLN A 404 5.68 13.79 17.96
CA GLN A 404 6.24 13.80 16.61
C GLN A 404 7.37 14.81 16.49
N ASN A 405 7.50 15.68 17.50
CA ASN A 405 8.55 16.69 17.53
C ASN A 405 9.85 15.95 17.83
N THR A 406 10.70 15.78 16.83
CA THR A 406 11.95 15.02 17.00
C THR A 406 12.96 15.70 17.92
N GLU A 407 12.73 16.97 18.23
CA GLU A 407 13.62 17.69 19.11
C GLU A 407 13.19 17.48 20.56
N ILE A 408 11.89 17.48 20.80
CA ILE A 408 11.37 17.27 22.15
C ILE A 408 11.44 15.79 22.50
N ASN A 409 10.95 14.94 21.60
CA ASN A 409 10.94 13.51 21.79
C ASN A 409 12.14 12.89 21.09
N ASN A 410 13.31 13.50 21.32
CA ASN A 410 14.55 13.08 20.68
C ASN A 410 14.98 11.63 20.92
N MET A 411 14.58 11.04 22.04
CA MET A 411 14.96 9.67 22.34
C MET A 411 14.29 8.63 21.43
N ASN A 412 13.30 9.07 20.65
CA ASN A 412 12.58 8.16 19.76
C ASN A 412 12.99 8.26 18.30
N PHE A 413 13.95 9.12 18.02
CA PHE A 413 14.41 9.32 16.64
C PHE A 413 15.93 9.44 16.53
N THR A 414 16.49 8.79 15.52
CA THR A 414 17.91 8.87 15.23
C THR A 414 17.99 9.27 13.77
N LYS A 415 18.43 10.50 13.49
CA LYS A 415 18.53 10.96 12.11
C LYS A 415 19.62 10.21 11.38
N LEU A 416 19.27 9.59 10.27
CA LEU A 416 20.25 8.83 9.51
C LEU A 416 20.82 9.58 8.32
N LYS A 417 20.03 10.49 7.76
CA LYS A 417 20.47 11.24 6.60
C LYS A 417 19.63 12.50 6.37
N ASN A 418 20.30 13.57 5.96
CA ASN A 418 19.65 14.83 5.64
C ASN A 418 19.56 14.93 4.13
N PHE A 419 18.40 15.38 3.63
CA PHE A 419 18.19 15.52 2.20
C PHE A 419 18.26 16.98 1.76
N THR A 420 17.97 17.89 2.69
CA THR A 420 17.97 19.32 2.37
C THR A 420 19.29 19.83 1.81
N GLY A 421 19.20 20.54 0.69
CA GLY A 421 20.37 21.08 0.04
C GLY A 421 21.03 20.13 -0.94
N LEU A 422 20.53 18.90 -0.99
CA LEU A 422 21.09 17.88 -1.86
C LEU A 422 20.28 17.62 -3.12
N PHE A 423 19.11 18.26 -3.25
CA PHE A 423 18.29 18.03 -4.43
C PHE A 423 18.92 18.64 -5.69
N ARG B 1 3.70 5.73 -2.97
CA ARG B 1 5.09 6.21 -2.78
C ARG B 1 5.09 7.57 -2.09
N TYR B 2 6.03 7.76 -1.16
CA TYR B 2 6.15 9.00 -0.40
C TYR B 2 6.49 10.18 -1.31
N GLY B 3 7.31 9.93 -2.33
CA GLY B 3 7.67 10.99 -3.24
C GLY B 3 8.86 11.84 -2.81
N CYS B 4 9.12 12.89 -3.60
CA CYS B 4 10.23 13.81 -3.36
C CYS B 4 9.98 14.81 -2.24
#